data_8XWX
#
_entry.id   8XWX
#
_cell.length_a   104.632
_cell.length_b   237.267
_cell.length_c   90.622
_cell.angle_alpha   90.000
_cell.angle_beta   90.000
_cell.angle_gamma   90.000
#
_symmetry.space_group_name_H-M   'C 2 2 2'
#
loop_
_entity.id
_entity.type
_entity.pdbx_description
1 polymer 'B-cell receptor-associated protein 31'
2 polymer 'Mitochondrial fission 1 protein'
3 non-polymer BETA-MERCAPTOETHANOL
4 non-polymer 'SULFATE ION'
5 water water
#
loop_
_entity_poly.entity_id
_entity_poly.type
_entity_poly.pdbx_seq_one_letter_code
_entity_poly.pdbx_strand_id
1 'polypeptide(L)' GSLDVGNAEVKLEEENRSLKADLQKLKDELASTKQKLEKAENQVLAMRKQSEGLTKEYDRLLEEHAKLSAAA E,G,D,F
2 'polypeptide(L)'
;GSMEAVLNELVSVEDLLKFEKKFQSEKAAGSVSKSTQFEYAWCLVRSKYNDDIRKGIVLLEELLPKGSKEEQRDYVFYLA
VGNYRLKEYEKALKYVRGLLQTEPQNNQAKELERLIDKAMKKDGL
;
A,C,B
#
loop_
_chem_comp.id
_chem_comp.type
_chem_comp.name
_chem_comp.formula
BME non-polymer BETA-MERCAPTOETHANOL 'C2 H6 O S'
SO4 non-polymer 'SULFATE ION' 'O4 S -2'
#
# COMPACT_ATOMS: atom_id res chain seq x y z
N GLU A 14 3.94 -54.27 -40.04
CA GLU A 14 2.66 -54.29 -40.74
C GLU A 14 2.12 -52.89 -40.93
N GLU A 15 1.95 -52.49 -42.19
CA GLU A 15 1.45 -51.15 -42.49
C GLU A 15 0.01 -50.94 -42.03
N ASN A 16 -0.69 -51.99 -41.62
CA ASN A 16 -1.96 -51.77 -40.92
C ASN A 16 -1.71 -51.21 -39.52
N ARG A 17 -0.67 -51.69 -38.85
CA ARG A 17 -0.28 -51.11 -37.57
C ARG A 17 0.15 -49.65 -37.72
N SER A 18 0.76 -49.31 -38.85
CA SER A 18 1.05 -47.90 -39.13
C SER A 18 -0.24 -47.09 -39.22
N LEU A 19 -1.26 -47.65 -39.87
CA LEU A 19 -2.56 -46.97 -39.91
C LEU A 19 -3.13 -46.80 -38.50
N LYS A 20 -2.99 -47.82 -37.65
CA LYS A 20 -3.50 -47.73 -36.29
C LYS A 20 -2.77 -46.65 -35.49
N ALA A 21 -1.44 -46.57 -35.65
CA ALA A 21 -0.67 -45.56 -34.93
C ALA A 21 -1.01 -44.15 -35.42
N ASP A 22 -1.11 -43.99 -36.73
CA ASP A 22 -1.51 -42.70 -37.29
C ASP A 22 -2.91 -42.32 -36.82
N LEU A 23 -3.79 -43.31 -36.62
CA LEU A 23 -5.13 -42.99 -36.13
C LEU A 23 -5.11 -42.62 -34.65
N GLN A 24 -4.23 -43.24 -33.87
CA GLN A 24 -4.06 -42.80 -32.48
C GLN A 24 -3.62 -41.33 -32.44
N LYS A 25 -2.67 -40.97 -33.29
CA LYS A 25 -2.27 -39.57 -33.41
C LYS A 25 -3.43 -38.70 -33.86
N LEU A 26 -4.26 -39.21 -34.78
CA LEU A 26 -5.43 -38.48 -35.25
C LEU A 26 -6.41 -38.21 -34.11
N LYS A 27 -6.62 -39.21 -33.23
CA LYS A 27 -7.50 -39.01 -32.08
C LYS A 27 -6.93 -37.96 -31.13
N ASP A 28 -5.62 -38.01 -30.88
CA ASP A 28 -4.99 -37.01 -30.02
C ASP A 28 -5.22 -35.61 -30.58
N GLU A 29 -4.94 -35.43 -31.87
CA GLU A 29 -5.09 -34.12 -32.48
C GLU A 29 -6.55 -33.68 -32.57
N LEU A 30 -7.48 -34.63 -32.66
CA LEU A 30 -8.89 -34.27 -32.66
C LEU A 30 -9.35 -33.82 -31.28
N ALA A 31 -8.84 -34.44 -30.22
CA ALA A 31 -9.10 -33.93 -28.88
C ALA A 31 -8.54 -32.51 -28.72
N SER A 32 -7.34 -32.29 -29.25
CA SER A 32 -6.77 -30.96 -29.23
C SER A 32 -7.65 -29.95 -29.98
N THR A 33 -8.20 -30.35 -31.12
CA THR A 33 -9.07 -29.46 -31.89
C THR A 33 -10.41 -29.19 -31.18
N LYS A 34 -10.94 -30.20 -30.50
CA LYS A 34 -12.16 -29.98 -29.71
C LYS A 34 -11.92 -28.95 -28.62
N GLN A 35 -10.81 -29.10 -27.88
CA GLN A 35 -10.45 -28.09 -26.91
C GLN A 35 -10.17 -26.73 -27.57
N LYS A 36 -9.65 -26.76 -28.80
CA LYS A 36 -9.47 -25.52 -29.54
C LYS A 36 -10.80 -24.78 -29.73
N LEU A 37 -11.82 -25.49 -30.22
CA LEU A 37 -13.10 -24.83 -30.46
C LEU A 37 -13.74 -24.37 -29.16
N GLU A 38 -13.59 -25.15 -28.08
CA GLU A 38 -14.11 -24.73 -26.78
C GLU A 38 -13.47 -23.40 -26.34
N LYS A 39 -12.15 -23.33 -26.41
CA LYS A 39 -11.46 -22.12 -25.97
C LYS A 39 -11.81 -20.92 -26.86
N ALA A 40 -11.83 -21.12 -28.18
CA ALA A 40 -12.21 -20.03 -29.09
C ALA A 40 -13.62 -19.54 -28.79
N GLU A 41 -14.52 -20.46 -28.44
CA GLU A 41 -15.87 -20.06 -28.08
C GLU A 41 -15.88 -19.23 -26.80
N ASN A 42 -15.02 -19.59 -25.83
CA ASN A 42 -14.90 -18.77 -24.63
C ASN A 42 -14.49 -17.34 -24.97
N GLN A 43 -13.47 -17.20 -25.83
CA GLN A 43 -13.00 -15.87 -26.20
C GLN A 43 -14.10 -15.07 -26.91
N VAL A 44 -14.80 -15.72 -27.85
CA VAL A 44 -15.88 -15.04 -28.57
C VAL A 44 -17.00 -14.64 -27.61
N LEU A 45 -17.26 -15.45 -26.58
CA LEU A 45 -18.29 -15.13 -25.60
C LEU A 45 -17.91 -13.88 -24.81
N ALA A 46 -16.63 -13.76 -24.44
CA ALA A 46 -16.18 -12.55 -23.75
C ALA A 46 -16.33 -11.32 -24.65
N MET A 47 -15.93 -11.45 -25.91
CA MET A 47 -16.14 -10.35 -26.87
C MET A 47 -17.61 -9.96 -26.93
N ARG A 48 -18.50 -10.94 -26.91
CA ARG A 48 -19.93 -10.67 -26.93
C ARG A 48 -20.36 -9.86 -25.71
N LYS A 49 -19.89 -10.28 -24.54
CA LYS A 49 -20.23 -9.55 -23.31
C LYS A 49 -19.81 -8.09 -23.41
N GLN A 50 -18.61 -7.83 -23.94
CA GLN A 50 -18.17 -6.45 -24.06
C GLN A 50 -19.04 -5.67 -25.06
N SER A 51 -19.43 -6.32 -26.16
CA SER A 51 -20.30 -5.65 -27.12
C SER A 51 -21.64 -5.28 -26.48
N GLU A 52 -22.17 -6.18 -25.64
CA GLU A 52 -23.46 -5.91 -25.01
C GLU A 52 -23.34 -4.78 -23.98
N GLY A 53 -22.22 -4.75 -23.25
CA GLY A 53 -21.96 -3.62 -22.37
C GLY A 53 -21.91 -2.31 -23.12
N LEU A 54 -21.22 -2.30 -24.28
CA LEU A 54 -21.23 -1.15 -25.17
C LEU A 54 -22.66 -0.72 -25.48
N THR A 55 -23.51 -1.68 -25.85
CA THR A 55 -24.87 -1.35 -26.25
C THR A 55 -25.66 -0.72 -25.10
N LYS A 56 -25.56 -1.29 -23.90
CA LYS A 56 -26.31 -0.74 -22.77
C LYS A 56 -25.81 0.65 -22.39
N GLU A 57 -24.49 0.84 -22.35
CA GLU A 57 -23.95 2.17 -22.05
C GLU A 57 -24.38 3.18 -23.11
N TYR A 58 -24.40 2.76 -24.37
CA TYR A 58 -24.87 3.62 -25.43
C TYR A 58 -26.33 4.00 -25.24
N ASP A 59 -27.16 3.05 -24.80
CA ASP A 59 -28.57 3.34 -24.56
C ASP A 59 -28.74 4.38 -23.44
N ARG A 60 -27.95 4.23 -22.37
CA ARG A 60 -28.00 5.23 -21.29
C ARG A 60 -27.58 6.61 -21.81
N LEU A 61 -26.53 6.66 -22.62
CA LEU A 61 -26.12 7.94 -23.21
C LEU A 61 -27.20 8.51 -24.12
N LEU A 62 -27.93 7.63 -24.82
CA LEU A 62 -29.03 8.07 -25.66
C LEU A 62 -30.12 8.73 -24.81
N GLU A 63 -30.46 8.10 -23.68
CA GLU A 63 -31.45 8.69 -22.78
C GLU A 63 -30.99 10.07 -22.30
N GLU A 64 -29.71 10.20 -21.93
CA GLU A 64 -29.20 11.49 -21.49
C GLU A 64 -29.26 12.54 -22.60
N HIS A 65 -28.86 12.15 -23.82
CA HIS A 65 -28.89 13.08 -24.95
C HIS A 65 -30.30 13.53 -25.26
N ALA A 66 -31.26 12.59 -25.25
CA ALA A 66 -32.64 12.94 -25.52
C ALA A 66 -33.22 13.83 -24.43
N LYS A 67 -32.81 13.62 -23.18
CA LYS A 67 -33.23 14.53 -22.11
C LYS A 67 -32.67 15.93 -22.34
N LEU A 68 -31.41 16.03 -22.74
CA LEU A 68 -30.82 17.33 -23.03
C LEU A 68 -31.53 18.00 -24.21
N SER A 69 -31.96 17.20 -25.20
CA SER A 69 -32.67 17.76 -26.35
C SER A 69 -34.06 18.24 -25.97
N ALA A 70 -34.76 17.49 -25.12
CA ALA A 70 -36.11 17.83 -24.67
C ALA A 70 -36.14 19.08 -23.79
N ALA A 71 -35.05 19.83 -23.67
CA ALA A 71 -35.03 21.06 -22.90
C ALA A 71 -35.61 22.21 -23.71
N MET B 3 0.32 43.12 -11.11
CA MET B 3 -0.41 42.10 -10.36
C MET B 3 0.04 40.70 -10.76
N GLU B 4 0.07 39.80 -9.78
CA GLU B 4 0.34 38.38 -10.04
C GLU B 4 -0.52 37.85 -11.19
N ALA B 5 -1.70 38.43 -11.39
CA ALA B 5 -2.56 38.00 -12.49
C ALA B 5 -1.91 38.25 -13.84
N VAL B 6 -1.12 39.33 -13.98
CA VAL B 6 -0.47 39.60 -15.26
C VAL B 6 0.60 38.56 -15.55
N LEU B 7 1.43 38.25 -14.55
CA LEU B 7 2.43 37.20 -14.71
C LEU B 7 1.77 35.86 -15.02
N ASN B 8 0.69 35.55 -14.31
CA ASN B 8 -0.04 34.30 -14.55
C ASN B 8 -0.57 34.24 -15.98
N GLU B 9 -1.17 35.32 -16.46
CA GLU B 9 -1.72 35.32 -17.82
C GLU B 9 -0.62 35.17 -18.86
N LEU B 10 0.50 35.88 -18.69
CA LEU B 10 1.56 35.76 -19.68
C LEU B 10 2.17 34.35 -19.68
N VAL B 11 2.36 33.77 -18.49
CA VAL B 11 2.89 32.41 -18.43
C VAL B 11 1.88 31.42 -18.98
N SER B 12 0.59 31.69 -18.81
CA SER B 12 -0.44 30.82 -19.39
C SER B 12 -0.37 30.84 -20.91
N VAL B 13 -0.19 32.02 -21.49
CA VAL B 13 -0.10 32.11 -22.94
C VAL B 13 1.12 31.37 -23.45
N GLU B 14 2.27 31.54 -22.76
CA GLU B 14 3.48 30.83 -23.18
C GLU B 14 3.31 29.31 -23.06
N ASP B 15 2.74 28.85 -21.95
CA ASP B 15 2.51 27.42 -21.77
C ASP B 15 1.61 26.88 -22.87
N LEU B 16 0.50 27.57 -23.13
CA LEU B 16 -0.44 27.11 -24.14
C LEU B 16 0.24 26.98 -25.49
N LEU B 17 0.94 28.03 -25.94
CA LEU B 17 1.68 27.96 -27.19
C LEU B 17 2.64 26.77 -27.24
N LYS B 18 3.57 26.71 -26.28
CA LYS B 18 4.64 25.72 -26.41
C LYS B 18 4.12 24.29 -26.25
N PHE B 19 3.16 24.08 -25.36
CA PHE B 19 2.61 22.74 -25.19
C PHE B 19 1.74 22.33 -26.36
N GLU B 20 1.01 23.27 -26.98
CA GLU B 20 0.31 22.93 -28.21
C GLU B 20 1.29 22.59 -29.32
N LYS B 21 2.42 23.30 -29.37
CA LYS B 21 3.42 22.99 -30.39
C LYS B 21 3.97 21.58 -30.19
N LYS B 22 4.29 21.22 -28.95
CA LYS B 22 4.80 19.87 -28.68
C LYS B 22 3.76 18.80 -29.00
N PHE B 23 2.52 19.02 -28.54
CA PHE B 23 1.43 18.10 -28.83
C PHE B 23 1.24 17.89 -30.32
N GLN B 24 1.22 18.98 -31.09
CA GLN B 24 0.97 18.90 -32.52
C GLN B 24 2.15 18.27 -33.25
N SER B 25 3.38 18.55 -32.79
CA SER B 25 4.57 17.93 -33.35
C SER B 25 4.55 16.42 -33.15
N GLU B 26 4.07 15.98 -31.98
CA GLU B 26 4.00 14.54 -31.73
C GLU B 26 2.82 13.89 -32.45
N LYS B 27 1.74 14.62 -32.67
CA LYS B 27 0.59 14.05 -33.38
C LYS B 27 0.86 13.93 -34.87
N ALA B 28 1.55 14.92 -35.45
CA ALA B 28 1.84 14.88 -36.87
C ALA B 28 2.73 13.70 -37.22
N ALA B 29 3.72 13.41 -36.38
CA ALA B 29 4.67 12.32 -36.60
C ALA B 29 4.34 11.20 -35.62
N GLY B 30 3.37 10.38 -36.00
CA GLY B 30 3.01 9.21 -35.23
C GLY B 30 2.12 9.52 -34.04
N SER B 31 2.16 8.62 -33.06
CA SER B 31 1.31 8.72 -31.89
C SER B 31 1.81 9.82 -30.95
N VAL B 32 0.87 10.45 -30.25
CA VAL B 32 1.20 11.42 -29.22
C VAL B 32 1.40 10.69 -27.91
N SER B 33 2.49 11.00 -27.20
CA SER B 33 2.78 10.37 -25.93
C SER B 33 1.74 10.75 -24.87
N LYS B 34 1.64 9.92 -23.84
CA LYS B 34 0.66 10.16 -22.78
C LYS B 34 1.07 11.37 -21.93
N SER B 35 2.38 11.54 -21.68
CA SER B 35 2.79 12.67 -20.85
C SER B 35 2.56 13.99 -21.56
N THR B 36 2.81 14.03 -22.87
CA THR B 36 2.60 15.27 -23.62
C THR B 36 1.12 15.64 -23.66
N GLN B 37 0.25 14.66 -23.91
CA GLN B 37 -1.18 14.93 -23.91
C GLN B 37 -1.64 15.38 -22.54
N PHE B 38 -1.10 14.77 -21.48
CA PHE B 38 -1.46 15.22 -20.13
C PHE B 38 -0.97 16.63 -19.86
N GLU B 39 0.26 16.96 -20.29
CA GLU B 39 0.77 18.31 -20.13
C GLU B 39 -0.15 19.33 -20.80
N TYR B 40 -0.55 19.03 -22.04
CA TYR B 40 -1.43 19.92 -22.77
C TYR B 40 -2.77 20.08 -22.07
N ALA B 41 -3.40 18.98 -21.68
CA ALA B 41 -4.69 19.06 -21.01
C ALA B 41 -4.59 19.78 -19.68
N TRP B 42 -3.45 19.64 -19.01
CA TRP B 42 -3.25 20.27 -17.71
C TRP B 42 -3.07 21.78 -17.86
N CYS B 43 -2.37 22.23 -18.89
CA CYS B 43 -2.37 23.65 -19.22
C CYS B 43 -3.76 24.12 -19.61
N LEU B 44 -4.50 23.28 -20.33
CA LEU B 44 -5.80 23.69 -20.86
C LEU B 44 -6.81 23.92 -19.75
N VAL B 45 -6.86 23.03 -18.76
CA VAL B 45 -7.87 23.17 -17.71
C VAL B 45 -7.58 24.33 -16.75
N ARG B 46 -6.35 24.83 -16.71
CA ARG B 46 -6.05 26.01 -15.90
C ARG B 46 -6.13 27.31 -16.69
N SER B 47 -6.38 27.25 -17.99
CA SER B 47 -6.50 28.44 -18.83
C SER B 47 -7.76 29.25 -18.47
N LYS B 48 -7.81 30.49 -18.97
CA LYS B 48 -8.96 31.35 -18.71
C LYS B 48 -10.03 31.27 -19.80
N TYR B 49 -9.74 30.60 -20.92
CA TYR B 49 -10.73 30.40 -21.96
C TYR B 49 -11.49 29.10 -21.69
N ASN B 50 -12.82 29.17 -21.75
CA ASN B 50 -13.63 28.00 -21.43
C ASN B 50 -13.47 26.90 -22.48
N ASP B 51 -13.32 27.28 -23.75
CA ASP B 51 -13.02 26.28 -24.79
C ASP B 51 -11.73 25.54 -24.48
N ASP B 52 -10.76 26.23 -23.90
CA ASP B 52 -9.52 25.58 -23.48
C ASP B 52 -9.80 24.53 -22.42
N ILE B 53 -10.65 24.87 -21.45
CA ILE B 53 -10.98 23.91 -20.39
C ILE B 53 -11.73 22.71 -20.99
N ARG B 54 -12.58 22.96 -21.98
CA ARG B 54 -13.31 21.88 -22.62
C ARG B 54 -12.36 20.94 -23.38
N LYS B 55 -11.40 21.52 -24.10
CA LYS B 55 -10.41 20.71 -24.81
C LYS B 55 -9.59 19.89 -23.82
N GLY B 56 -9.22 20.48 -22.69
CA GLY B 56 -8.48 19.73 -21.68
C GLY B 56 -9.29 18.58 -21.10
N ILE B 57 -10.57 18.82 -20.84
CA ILE B 57 -11.44 17.75 -20.36
C ILE B 57 -11.53 16.63 -21.38
N VAL B 58 -11.66 17.00 -22.67
CA VAL B 58 -11.72 16.00 -23.73
C VAL B 58 -10.44 15.17 -23.76
N LEU B 59 -9.29 15.84 -23.68
CA LEU B 59 -8.02 15.12 -23.73
C LEU B 59 -7.87 14.19 -22.53
N LEU B 60 -8.29 14.63 -21.35
CA LEU B 60 -8.20 13.80 -20.16
C LEU B 60 -9.11 12.58 -20.27
N GLU B 61 -10.33 12.79 -20.78
CA GLU B 61 -11.25 11.67 -20.97
C GLU B 61 -10.75 10.69 -22.02
N GLU B 62 -10.03 11.19 -23.04
CA GLU B 62 -9.45 10.29 -24.03
C GLU B 62 -8.28 9.51 -23.45
N LEU B 63 -7.47 10.14 -22.60
CA LEU B 63 -6.35 9.45 -21.97
C LEU B 63 -6.78 8.53 -20.83
N LEU B 64 -8.00 8.70 -20.32
CA LEU B 64 -8.44 7.93 -19.15
C LEU B 64 -8.39 6.41 -19.34
N PRO B 65 -8.86 5.85 -20.47
CA PRO B 65 -8.88 4.37 -20.56
C PRO B 65 -7.51 3.74 -20.61
N LYS B 66 -6.56 4.35 -21.31
CA LYS B 66 -5.21 3.80 -21.45
C LYS B 66 -4.26 4.32 -20.37
N GLY B 67 -4.80 4.70 -19.21
CA GLY B 67 -3.99 5.12 -18.08
C GLY B 67 -3.62 3.96 -17.18
N SER B 68 -2.66 4.21 -16.28
CA SER B 68 -2.21 3.18 -15.35
C SER B 68 -3.07 3.24 -14.09
N LYS B 69 -2.47 3.11 -12.92
CA LYS B 69 -3.23 3.20 -11.66
C LYS B 69 -3.25 4.61 -11.18
N GLU B 70 -2.12 5.14 -10.69
CA GLU B 70 -2.04 6.52 -10.24
C GLU B 70 -2.42 7.51 -11.35
N GLU B 71 -2.15 7.15 -12.60
CA GLU B 71 -2.40 8.07 -13.71
C GLU B 71 -3.89 8.36 -13.86
N GLN B 72 -4.73 7.33 -13.74
CA GLN B 72 -6.17 7.57 -13.85
C GLN B 72 -6.70 8.36 -12.67
N ARG B 73 -6.10 8.19 -11.49
CA ARG B 73 -6.49 9.01 -10.35
C ARG B 73 -6.16 10.48 -10.59
N ASP B 74 -4.97 10.75 -11.14
CA ASP B 74 -4.63 12.14 -11.48
C ASP B 74 -5.56 12.68 -12.56
N TYR B 75 -5.88 11.87 -13.57
CA TYR B 75 -6.80 12.29 -14.62
C TYR B 75 -8.16 12.64 -14.04
N VAL B 76 -8.65 11.84 -13.10
CA VAL B 76 -9.96 12.09 -12.50
C VAL B 76 -9.92 13.36 -11.65
N PHE B 77 -8.81 13.57 -10.92
CA PHE B 77 -8.68 14.81 -10.16
C PHE B 77 -8.77 16.03 -11.07
N TYR B 78 -8.03 16.01 -12.18
CA TYR B 78 -8.04 17.16 -13.08
C TYR B 78 -9.36 17.29 -13.83
N LEU B 79 -10.05 16.18 -14.07
CA LEU B 79 -11.38 16.24 -14.66
C LEU B 79 -12.36 16.92 -13.71
N ALA B 80 -12.28 16.58 -12.42
CA ALA B 80 -13.10 17.25 -11.42
C ALA B 80 -12.79 18.75 -11.39
N VAL B 81 -11.50 19.11 -11.44
CA VAL B 81 -11.12 20.52 -11.44
C VAL B 81 -11.72 21.24 -12.64
N GLY B 82 -11.54 20.66 -13.84
CA GLY B 82 -12.04 21.29 -15.05
C GLY B 82 -13.55 21.45 -15.05
N ASN B 83 -14.27 20.41 -14.61
CA ASN B 83 -15.72 20.53 -14.58
C ASN B 83 -16.17 21.54 -13.53
N TYR B 84 -15.46 21.65 -12.42
CA TYR B 84 -15.76 22.69 -11.44
C TYR B 84 -15.60 24.07 -12.06
N ARG B 85 -14.52 24.29 -12.81
CA ARG B 85 -14.29 25.62 -13.38
C ARG B 85 -15.34 25.99 -14.43
N LEU B 86 -15.87 25.02 -15.16
CA LEU B 86 -16.96 25.30 -16.09
C LEU B 86 -18.32 25.30 -15.43
N LYS B 87 -18.37 25.26 -14.10
CA LYS B 87 -19.63 25.29 -13.35
C LYS B 87 -20.51 24.10 -13.71
N GLU B 88 -19.90 23.01 -14.16
CA GLU B 88 -20.59 21.74 -14.38
C GLU B 88 -20.44 20.87 -13.12
N TYR B 89 -21.12 21.33 -12.07
CA TYR B 89 -20.85 20.83 -10.73
C TYR B 89 -21.16 19.33 -10.55
N GLU B 90 -22.14 18.78 -11.29
CA GLU B 90 -22.42 17.36 -11.07
C GLU B 90 -21.29 16.47 -11.57
N LYS B 91 -20.80 16.70 -12.79
CA LYS B 91 -19.70 15.87 -13.28
C LYS B 91 -18.46 16.05 -12.41
N ALA B 92 -18.23 17.27 -11.95
CA ALA B 92 -17.17 17.53 -10.98
C ALA B 92 -17.37 16.69 -9.73
N LEU B 93 -18.61 16.64 -9.23
CA LEU B 93 -18.90 15.86 -8.03
C LEU B 93 -18.72 14.37 -8.29
N LYS B 94 -19.08 13.89 -9.48
CA LYS B 94 -18.90 12.48 -9.80
C LYS B 94 -17.42 12.12 -9.80
N TYR B 95 -16.60 12.92 -10.47
CA TYR B 95 -15.17 12.60 -10.52
C TYR B 95 -14.53 12.73 -9.15
N VAL B 96 -14.88 13.77 -8.40
CA VAL B 96 -14.24 13.96 -7.09
C VAL B 96 -14.71 12.89 -6.11
N ARG B 97 -15.95 12.43 -6.22
CA ARG B 97 -16.43 11.39 -5.30
C ARG B 97 -15.80 10.04 -5.65
N GLY B 98 -15.62 9.75 -6.94
CA GLY B 98 -14.89 8.56 -7.31
C GLY B 98 -13.46 8.59 -6.79
N LEU B 99 -12.77 9.71 -7.00
CA LEU B 99 -11.38 9.82 -6.55
C LEU B 99 -11.29 9.71 -5.03
N LEU B 100 -12.21 10.35 -4.30
CA LEU B 100 -12.21 10.23 -2.85
C LEU B 100 -12.61 8.84 -2.39
N GLN B 101 -13.35 8.10 -3.22
CA GLN B 101 -13.65 6.72 -2.89
C GLN B 101 -12.40 5.86 -3.01
N THR B 102 -11.54 6.14 -3.99
CA THR B 102 -10.29 5.40 -4.07
C THR B 102 -9.19 5.96 -3.19
N GLU B 103 -9.31 7.24 -2.75
CA GLU B 103 -8.39 7.82 -1.78
C GLU B 103 -9.23 8.60 -0.79
N PRO B 104 -9.56 8.04 0.38
CA PRO B 104 -10.50 8.70 1.29
C PRO B 104 -9.97 9.98 1.92
N GLN B 105 -8.66 10.10 2.11
CA GLN B 105 -8.11 11.21 2.88
C GLN B 105 -7.18 12.09 2.05
N ASN B 106 -7.33 12.08 0.73
CA ASN B 106 -6.68 13.10 -0.09
C ASN B 106 -7.30 14.44 0.25
N ASN B 107 -6.59 15.24 1.06
CA ASN B 107 -7.18 16.50 1.54
C ASN B 107 -7.51 17.44 0.38
N GLN B 108 -6.71 17.42 -0.69
CA GLN B 108 -6.99 18.30 -1.82
C GLN B 108 -8.33 17.95 -2.47
N ALA B 109 -8.61 16.66 -2.66
CA ALA B 109 -9.89 16.30 -3.26
C ALA B 109 -11.04 16.50 -2.30
N LYS B 110 -10.77 16.49 -0.98
CA LYS B 110 -11.81 16.82 -0.02
C LYS B 110 -12.17 18.30 -0.07
N GLU B 111 -11.15 19.17 -0.16
CA GLU B 111 -11.43 20.59 -0.32
C GLU B 111 -12.07 20.89 -1.67
N LEU B 112 -11.73 20.13 -2.71
CA LEU B 112 -12.39 20.31 -3.99
C LEU B 112 -13.87 19.95 -3.93
N GLU B 113 -14.19 18.79 -3.34
CA GLU B 113 -15.60 18.43 -3.17
C GLU B 113 -16.31 19.44 -2.27
N ARG B 114 -15.60 19.99 -1.27
CA ARG B 114 -16.20 21.02 -0.43
C ARG B 114 -16.58 22.23 -1.26
N LEU B 115 -15.70 22.64 -2.18
CA LEU B 115 -16.00 23.76 -3.06
C LEU B 115 -17.19 23.45 -3.97
N ILE B 116 -17.21 22.25 -4.55
CA ILE B 116 -18.31 21.87 -5.44
C ILE B 116 -19.64 21.89 -4.68
N ASP B 117 -19.65 21.35 -3.45
CA ASP B 117 -20.88 21.35 -2.67
C ASP B 117 -21.29 22.75 -2.28
N LYS B 118 -20.31 23.60 -1.94
CA LYS B 118 -20.62 24.97 -1.57
C LYS B 118 -21.21 25.73 -2.75
N ALA B 119 -20.76 25.42 -3.96
CA ALA B 119 -21.30 26.04 -5.17
C ALA B 119 -22.64 25.45 -5.60
N MET B 120 -22.91 24.19 -5.26
CA MET B 120 -24.15 23.54 -5.68
C MET B 120 -25.37 24.11 -4.95
N LYS B 121 -25.19 24.59 -3.72
CA LYS B 121 -26.30 25.15 -2.97
C LYS B 121 -26.67 26.51 -3.52
N LYS B 122 -27.84 26.60 -4.15
CA LYS B 122 -28.35 27.85 -4.71
C LYS B 122 -29.82 28.04 -4.36
N GLU C 14 34.14 -58.11 -1.19
CA GLU C 14 35.43 -57.49 -0.91
C GLU C 14 35.27 -56.36 0.10
N GLU C 15 35.84 -56.55 1.29
CA GLU C 15 35.75 -55.51 2.32
C GLU C 15 36.45 -54.23 1.91
N ASN C 16 37.50 -54.35 1.09
CA ASN C 16 38.23 -53.17 0.65
C ASN C 16 37.35 -52.22 -0.17
N ARG C 17 36.47 -52.79 -1.00
CA ARG C 17 35.58 -51.96 -1.82
C ARG C 17 34.58 -51.20 -0.96
N SER C 18 33.98 -51.88 0.03
CA SER C 18 33.10 -51.19 0.97
C SER C 18 33.86 -50.11 1.73
N LEU C 19 35.11 -50.40 2.12
CA LEU C 19 35.95 -49.40 2.76
C LEU C 19 36.12 -48.16 1.88
N LYS C 20 36.39 -48.37 0.60
CA LYS C 20 36.64 -47.24 -0.30
C LYS C 20 35.36 -46.45 -0.57
N ALA C 21 34.22 -47.13 -0.63
CA ALA C 21 32.96 -46.42 -0.75
C ALA C 21 32.70 -45.56 0.49
N ASP C 22 32.92 -46.13 1.67
CA ASP C 22 32.80 -45.36 2.91
C ASP C 22 33.74 -44.16 2.90
N LEU C 23 34.94 -44.33 2.38
CA LEU C 23 35.91 -43.24 2.35
C LEU C 23 35.50 -42.14 1.38
N GLN C 24 34.98 -42.51 0.21
CA GLN C 24 34.49 -41.51 -0.73
C GLN C 24 33.34 -40.70 -0.11
N LYS C 25 32.43 -41.38 0.59
CA LYS C 25 31.38 -40.66 1.30
C LYS C 25 31.97 -39.73 2.35
N LEU C 26 33.00 -40.19 3.07
CA LEU C 26 33.66 -39.35 4.06
C LEU C 26 34.25 -38.10 3.43
N LYS C 27 34.88 -38.26 2.26
CA LYS C 27 35.47 -37.11 1.57
C LYS C 27 34.38 -36.11 1.17
N ASP C 28 33.25 -36.61 0.67
CA ASP C 28 32.15 -35.71 0.34
C ASP C 28 31.67 -34.93 1.56
N GLU C 29 31.49 -35.64 2.68
CA GLU C 29 31.00 -34.99 3.89
C GLU C 29 32.03 -34.01 4.46
N LEU C 30 33.33 -34.28 4.28
CA LEU C 30 34.35 -33.35 4.74
C LEU C 30 34.38 -32.10 3.87
N ALA C 31 34.23 -32.25 2.55
CA ALA C 31 34.08 -31.07 1.70
C ALA C 31 32.90 -30.21 2.16
N SER C 32 31.77 -30.86 2.44
CA SER C 32 30.59 -30.10 2.85
C SER C 32 30.81 -29.41 4.20
N THR C 33 31.46 -30.08 5.15
CA THR C 33 31.73 -29.42 6.43
C THR C 33 32.71 -28.27 6.27
N LYS C 34 33.67 -28.37 5.34
CA LYS C 34 34.57 -27.26 5.08
C LYS C 34 33.81 -26.05 4.54
N GLN C 35 32.91 -26.28 3.58
CA GLN C 35 32.14 -25.16 3.04
C GLN C 35 31.29 -24.51 4.12
N LYS C 36 30.61 -25.33 4.95
CA LYS C 36 29.79 -24.74 6.01
C LYS C 36 30.65 -23.98 7.02
N LEU C 37 31.86 -24.45 7.29
CA LEU C 37 32.76 -23.72 8.19
C LEU C 37 33.11 -22.35 7.61
N GLU C 38 33.52 -22.32 6.33
CA GLU C 38 33.87 -21.05 5.71
C GLU C 38 32.67 -20.09 5.71
N LYS C 39 31.48 -20.63 5.52
CA LYS C 39 30.31 -19.76 5.50
C LYS C 39 30.00 -19.22 6.90
N ALA C 40 30.10 -20.07 7.92
CA ALA C 40 29.97 -19.58 9.30
C ALA C 40 31.00 -18.50 9.59
N GLU C 41 32.20 -18.64 9.03
CA GLU C 41 33.23 -17.62 9.20
C GLU C 41 32.81 -16.30 8.57
N ASN C 42 32.25 -16.34 7.36
CA ASN C 42 31.79 -15.11 6.72
C ASN C 42 30.68 -14.45 7.54
N GLN C 43 29.79 -15.26 8.12
CA GLN C 43 28.72 -14.70 8.94
C GLN C 43 29.27 -14.05 10.21
N VAL C 44 30.26 -14.69 10.84
CA VAL C 44 30.89 -14.09 12.01
C VAL C 44 31.63 -12.81 11.64
N LEU C 45 32.22 -12.77 10.43
CA LEU C 45 32.89 -11.56 9.98
C LEU C 45 31.89 -10.42 9.78
N ALA C 46 30.71 -10.74 9.25
CA ALA C 46 29.66 -9.72 9.15
C ALA C 46 29.26 -9.22 10.53
N MET C 47 29.10 -10.14 11.49
CA MET C 47 28.78 -9.72 12.85
C MET C 47 29.88 -8.84 13.45
N ARG C 48 31.14 -9.10 13.06
CA ARG C 48 32.24 -8.27 13.55
C ARG C 48 32.20 -6.88 12.94
N LYS C 49 31.90 -6.80 11.65
CA LYS C 49 31.68 -5.50 11.03
C LYS C 49 30.59 -4.74 11.76
N GLN C 50 29.50 -5.43 12.12
CA GLN C 50 28.42 -4.78 12.85
C GLN C 50 28.86 -4.30 14.22
N SER C 51 29.62 -5.13 14.94
CA SER C 51 30.09 -4.74 16.27
C SER C 51 31.01 -3.51 16.18
N GLU C 52 31.84 -3.45 15.13
CA GLU C 52 32.69 -2.28 14.94
C GLU C 52 31.86 -1.04 14.63
N GLY C 53 30.80 -1.19 13.84
CA GLY C 53 29.91 -0.07 13.58
C GLY C 53 29.27 0.44 14.85
N LEU C 54 28.77 -0.47 15.69
CA LEU C 54 28.24 -0.09 16.99
C LEU C 54 29.29 0.64 17.82
N THR C 55 30.55 0.19 17.76
CA THR C 55 31.62 0.83 18.51
C THR C 55 31.83 2.28 18.06
N LYS C 56 31.94 2.49 16.75
CA LYS C 56 32.17 3.85 16.25
C LYS C 56 31.00 4.76 16.57
N GLU C 57 29.77 4.28 16.39
CA GLU C 57 28.60 5.11 16.70
C GLU C 57 28.54 5.42 18.19
N TYR C 58 28.94 4.46 19.03
CA TYR C 58 28.97 4.71 20.46
C TYR C 58 30.02 5.77 20.81
N ASP C 59 31.15 5.77 20.11
CA ASP C 59 32.15 6.81 20.36
C ASP C 59 31.61 8.19 19.98
N ARG C 60 30.91 8.28 18.85
CA ARG C 60 30.29 9.55 18.47
C ARG C 60 29.29 10.01 19.54
N LEU C 61 28.45 9.08 20.02
CA LEU C 61 27.50 9.43 21.07
C LEU C 61 28.21 9.81 22.37
N LEU C 62 29.38 9.23 22.63
CA LEU C 62 30.19 9.63 23.78
C LEU C 62 30.62 11.08 23.67
N GLU C 63 31.11 11.47 22.49
CA GLU C 63 31.47 12.86 22.26
C GLU C 63 30.26 13.77 22.46
N GLU C 64 29.09 13.35 21.97
CA GLU C 64 27.88 14.16 22.15
C GLU C 64 27.53 14.30 23.63
N HIS C 65 27.59 13.20 24.39
CA HIS C 65 27.30 13.27 25.82
C HIS C 65 28.28 14.17 26.55
N ALA C 66 29.57 14.10 26.20
CA ALA C 66 30.56 14.98 26.81
C ALA C 66 30.28 16.43 26.49
N LYS C 67 29.78 16.71 25.27
CA LYS C 67 29.37 18.06 24.95
C LYS C 67 28.19 18.50 25.82
N LEU C 68 27.22 17.62 26.01
CA LEU C 68 26.05 17.95 26.82
C LEU C 68 26.39 18.10 28.30
N SER C 69 27.50 17.51 28.76
CA SER C 69 27.88 17.62 30.16
C SER C 69 28.67 18.90 30.46
N ALA C 70 29.23 19.54 29.44
CA ALA C 70 29.99 20.76 29.64
C ALA C 70 29.17 21.99 29.25
N ASP D 4 -12.07 -71.25 -45.57
CA ASP D 4 -12.50 -70.97 -46.94
C ASP D 4 -11.87 -69.68 -47.46
N VAL D 5 -11.21 -69.75 -48.62
CA VAL D 5 -10.63 -68.56 -49.23
C VAL D 5 -11.70 -67.57 -49.63
N GLY D 6 -12.69 -68.01 -50.43
CA GLY D 6 -13.66 -67.14 -51.09
C GLY D 6 -14.22 -66.09 -50.13
N ASN D 7 -14.84 -66.56 -49.04
CA ASN D 7 -15.45 -65.65 -48.08
C ASN D 7 -14.43 -64.69 -47.49
N ALA D 8 -13.21 -65.17 -47.25
CA ALA D 8 -12.19 -64.34 -46.63
C ALA D 8 -11.72 -63.22 -47.55
N GLU D 9 -11.50 -63.50 -48.85
CA GLU D 9 -11.13 -62.40 -49.74
C GLU D 9 -12.29 -61.43 -49.93
N VAL D 10 -13.53 -61.95 -49.94
CA VAL D 10 -14.68 -61.06 -50.05
C VAL D 10 -14.72 -60.10 -48.86
N LYS D 11 -14.54 -60.63 -47.65
CA LYS D 11 -14.51 -59.78 -46.46
C LYS D 11 -13.35 -58.80 -46.50
N LEU D 12 -12.19 -59.24 -47.02
CA LEU D 12 -11.04 -58.34 -47.14
C LEU D 12 -11.41 -57.13 -47.98
N GLU D 13 -11.96 -57.35 -49.18
CA GLU D 13 -12.33 -56.22 -50.03
C GLU D 13 -13.49 -55.41 -49.45
N GLU D 14 -14.37 -56.04 -48.68
CA GLU D 14 -15.45 -55.28 -48.03
C GLU D 14 -14.87 -54.27 -47.05
N GLU D 15 -14.08 -54.74 -46.08
CA GLU D 15 -13.39 -53.82 -45.18
C GLU D 15 -12.57 -52.79 -45.95
N ASN D 16 -12.01 -53.19 -47.09
CA ASN D 16 -11.13 -52.31 -47.84
C ASN D 16 -11.90 -51.11 -48.42
N ARG D 17 -12.99 -51.39 -49.14
CA ARG D 17 -13.80 -50.31 -49.67
C ARG D 17 -14.46 -49.49 -48.58
N SER D 18 -14.85 -50.12 -47.47
CA SER D 18 -15.38 -49.35 -46.34
C SER D 18 -14.35 -48.37 -45.82
N LEU D 19 -13.09 -48.80 -45.69
CA LEU D 19 -12.04 -47.89 -45.24
C LEU D 19 -11.84 -46.75 -46.22
N LYS D 20 -11.83 -47.05 -47.52
CA LYS D 20 -11.70 -45.98 -48.51
C LYS D 20 -12.80 -44.93 -48.33
N ALA D 21 -14.05 -45.40 -48.15
CA ALA D 21 -15.17 -44.46 -48.00
C ALA D 21 -15.00 -43.62 -46.73
N ASP D 22 -14.62 -44.25 -45.62
CA ASP D 22 -14.47 -43.50 -44.37
C ASP D 22 -13.35 -42.47 -44.50
N LEU D 23 -12.25 -42.81 -45.18
CA LEU D 23 -11.19 -41.82 -45.37
C LEU D 23 -11.66 -40.65 -46.23
N GLN D 24 -12.42 -40.93 -47.29
CA GLN D 24 -12.97 -39.84 -48.11
C GLN D 24 -13.86 -38.93 -47.28
N LYS D 25 -14.72 -39.50 -46.43
CA LYS D 25 -15.60 -38.69 -45.60
C LYS D 25 -14.80 -37.85 -44.61
N LEU D 26 -13.75 -38.44 -44.04
CA LEU D 26 -12.89 -37.70 -43.12
C LEU D 26 -12.25 -36.50 -43.82
N LYS D 27 -11.75 -36.72 -45.05
CA LYS D 27 -11.15 -35.63 -45.82
C LYS D 27 -12.16 -34.51 -46.08
N ASP D 28 -13.39 -34.88 -46.45
CA ASP D 28 -14.41 -33.87 -46.74
C ASP D 28 -14.73 -33.04 -45.51
N GLU D 29 -14.93 -33.71 -44.36
CA GLU D 29 -15.23 -32.98 -43.13
C GLU D 29 -14.07 -32.06 -42.72
N LEU D 30 -12.84 -32.52 -42.94
CA LEU D 30 -11.67 -31.69 -42.68
C LEU D 30 -11.68 -30.43 -43.54
N ALA D 31 -11.96 -30.58 -44.84
CA ALA D 31 -12.03 -29.42 -45.71
C ALA D 31 -13.08 -28.43 -45.25
N SER D 32 -14.27 -28.93 -44.87
CA SER D 32 -15.34 -28.04 -44.44
C SER D 32 -14.94 -27.28 -43.18
N THR D 33 -14.41 -27.99 -42.18
CA THR D 33 -14.02 -27.35 -40.93
C THR D 33 -12.95 -26.29 -41.17
N LYS D 34 -11.95 -26.59 -42.00
CA LYS D 34 -10.91 -25.61 -42.26
C LYS D 34 -11.46 -24.36 -42.95
N GLN D 35 -12.33 -24.55 -43.95
CA GLN D 35 -12.93 -23.40 -44.63
C GLN D 35 -13.69 -22.51 -43.65
N LYS D 36 -14.46 -23.13 -42.75
CA LYS D 36 -15.23 -22.35 -41.79
C LYS D 36 -14.31 -21.61 -40.82
N LEU D 37 -13.24 -22.26 -40.37
CA LEU D 37 -12.28 -21.57 -39.50
C LEU D 37 -11.67 -20.36 -40.21
N GLU D 38 -11.35 -20.53 -41.49
CA GLU D 38 -10.69 -19.45 -42.23
C GLU D 38 -11.61 -18.23 -42.37
N LYS D 39 -12.88 -18.47 -42.73
CA LYS D 39 -13.77 -17.32 -42.83
C LYS D 39 -14.13 -16.75 -41.47
N ALA D 40 -14.04 -17.54 -40.39
CA ALA D 40 -14.17 -16.98 -39.06
C ALA D 40 -13.04 -16.00 -38.76
N GLU D 41 -11.81 -16.37 -39.17
CA GLU D 41 -10.69 -15.43 -39.04
C GLU D 41 -10.95 -14.16 -39.82
N ASN D 42 -11.52 -14.29 -41.02
CA ASN D 42 -11.84 -13.10 -41.81
C ASN D 42 -12.81 -12.19 -41.07
N GLN D 43 -13.89 -12.76 -40.50
CA GLN D 43 -14.81 -11.98 -39.68
C GLN D 43 -14.09 -11.30 -38.52
N VAL D 44 -13.22 -12.03 -37.82
CA VAL D 44 -12.55 -11.45 -36.65
C VAL D 44 -11.68 -10.27 -37.07
N LEU D 45 -11.04 -10.36 -38.24
CA LEU D 45 -10.23 -9.24 -38.72
C LEU D 45 -11.10 -8.01 -38.99
N ALA D 46 -12.20 -8.20 -39.74
CA ALA D 46 -13.12 -7.10 -39.98
C ALA D 46 -13.60 -6.49 -38.66
N MET D 47 -13.81 -7.33 -37.65
CA MET D 47 -14.34 -6.87 -36.37
C MET D 47 -13.31 -6.03 -35.62
N ARG D 48 -12.03 -6.43 -35.67
CA ARG D 48 -11.00 -5.59 -35.07
C ARG D 48 -10.90 -4.25 -35.79
N LYS D 49 -11.06 -4.26 -37.12
CA LYS D 49 -11.11 -2.99 -37.86
C LYS D 49 -12.24 -2.11 -37.35
N GLN D 50 -13.42 -2.68 -37.14
CA GLN D 50 -14.53 -1.86 -36.66
C GLN D 50 -14.32 -1.40 -35.22
N SER D 51 -13.56 -2.16 -34.43
CA SER D 51 -13.16 -1.67 -33.11
C SER D 51 -12.27 -0.43 -33.22
N GLU D 52 -11.31 -0.46 -34.16
CA GLU D 52 -10.50 0.72 -34.41
C GLU D 52 -11.38 1.91 -34.78
N GLY D 53 -12.38 1.69 -35.63
CA GLY D 53 -13.32 2.75 -35.95
C GLY D 53 -14.11 3.24 -34.74
N LEU D 54 -14.50 2.32 -33.86
CA LEU D 54 -15.29 2.66 -32.69
C LEU D 54 -14.50 3.56 -31.72
N THR D 55 -13.19 3.40 -31.65
CA THR D 55 -12.39 4.30 -30.82
C THR D 55 -12.60 5.76 -31.23
N LYS D 56 -12.44 6.03 -32.53
CA LYS D 56 -12.63 7.38 -33.05
C LYS D 56 -14.07 7.85 -32.89
N GLU D 57 -15.03 6.93 -33.07
CA GLU D 57 -16.43 7.27 -32.84
C GLU D 57 -16.63 7.81 -31.42
N TYR D 58 -16.06 7.12 -30.42
CA TYR D 58 -16.18 7.56 -29.04
C TYR D 58 -15.48 8.88 -28.81
N ASP D 59 -14.31 9.06 -29.43
CA ASP D 59 -13.60 10.34 -29.33
C ASP D 59 -14.48 11.49 -29.80
N ARG D 60 -15.07 11.35 -30.99
CA ARG D 60 -15.92 12.41 -31.52
C ARG D 60 -17.16 12.61 -30.66
N LEU D 61 -17.73 11.53 -30.14
CA LEU D 61 -18.87 11.66 -29.24
C LEU D 61 -18.51 12.48 -28.01
N LEU D 62 -17.33 12.23 -27.44
CA LEU D 62 -16.87 12.99 -26.29
C LEU D 62 -16.69 14.46 -26.64
N GLU D 63 -16.07 14.73 -27.78
CA GLU D 63 -15.83 16.12 -28.17
C GLU D 63 -17.14 16.88 -28.36
N GLU D 64 -18.14 16.24 -28.99
CA GLU D 64 -19.42 16.92 -29.17
C GLU D 64 -20.16 17.10 -27.84
N HIS D 65 -20.15 16.07 -26.99
CA HIS D 65 -20.78 16.19 -25.68
C HIS D 65 -20.16 17.33 -24.88
N ALA D 66 -18.84 17.51 -25.00
CA ALA D 66 -18.17 18.61 -24.31
C ALA D 66 -18.54 19.95 -24.94
N LYS D 67 -18.60 20.00 -26.28
CA LYS D 67 -18.99 21.25 -26.94
C LYS D 67 -20.39 21.68 -26.54
N LEU D 68 -21.26 20.73 -26.21
CA LEU D 68 -22.58 21.07 -25.69
C LEU D 68 -22.55 21.24 -24.17
N VAL E 5 55.80 -64.76 -1.06
CA VAL E 5 54.55 -64.89 -0.33
C VAL E 5 54.67 -64.26 1.06
N GLY E 6 55.66 -64.69 1.83
CA GLY E 6 55.89 -64.10 3.14
C GLY E 6 56.16 -62.60 3.08
N ASN E 7 56.88 -62.15 2.04
CA ASN E 7 57.03 -60.73 1.80
C ASN E 7 55.68 -60.05 1.64
N ALA E 8 54.74 -60.72 0.98
CA ALA E 8 53.43 -60.14 0.76
C ALA E 8 52.65 -59.99 2.06
N GLU E 9 52.73 -61.00 2.94
CA GLU E 9 52.06 -60.89 4.23
C GLU E 9 52.73 -59.84 5.11
N VAL E 10 54.05 -59.71 5.04
CA VAL E 10 54.74 -58.67 5.79
C VAL E 10 54.27 -57.29 5.35
N LYS E 11 54.22 -57.07 4.02
CA LYS E 11 53.74 -55.79 3.51
C LYS E 11 52.29 -55.56 3.89
N LEU E 12 51.48 -56.62 3.84
CA LEU E 12 50.08 -56.53 4.24
C LEU E 12 49.96 -56.04 5.67
N GLU E 13 50.68 -56.66 6.60
CA GLU E 13 50.59 -56.25 7.99
C GLU E 13 51.14 -54.85 8.20
N GLU E 14 52.13 -54.44 7.39
CA GLU E 14 52.64 -53.08 7.48
C GLU E 14 51.56 -52.06 7.12
N GLU E 15 51.00 -52.19 5.92
CA GLU E 15 49.89 -51.32 5.52
C GLU E 15 48.75 -51.42 6.53
N ASN E 16 48.58 -52.59 7.15
CA ASN E 16 47.49 -52.83 8.07
C ASN E 16 47.63 -51.99 9.33
N ARG E 17 48.80 -52.07 9.99
CA ARG E 17 49.03 -51.26 11.18
C ARG E 17 49.04 -49.77 10.84
N SER E 18 49.55 -49.40 9.66
CA SER E 18 49.49 -48.00 9.26
C SER E 18 48.03 -47.54 9.15
N LEU E 19 47.18 -48.40 8.59
CA LEU E 19 45.76 -48.07 8.48
C LEU E 19 45.13 -47.89 9.86
N LYS E 20 45.46 -48.78 10.79
CA LYS E 20 44.95 -48.63 12.15
C LYS E 20 45.32 -47.27 12.73
N ALA E 21 46.59 -46.88 12.56
CA ALA E 21 47.05 -45.60 13.11
C ALA E 21 46.35 -44.42 12.46
N ASP E 22 46.22 -44.42 11.13
CA ASP E 22 45.54 -43.32 10.45
C ASP E 22 44.07 -43.22 10.87
N LEU E 23 43.41 -44.36 11.08
CA LEU E 23 42.03 -44.33 11.54
C LEU E 23 41.93 -43.71 12.93
N GLN E 24 42.86 -44.09 13.82
CA GLN E 24 42.88 -43.48 15.15
C GLN E 24 43.06 -41.97 15.07
N LYS E 25 43.96 -41.52 14.19
CA LYS E 25 44.21 -40.10 14.06
C LYS E 25 42.98 -39.35 13.54
N LEU E 26 42.28 -39.93 12.56
CA LEU E 26 41.04 -39.30 12.09
C LEU E 26 40.01 -39.21 13.21
N LYS E 27 39.85 -40.28 13.99
CA LYS E 27 38.89 -40.22 15.09
C LYS E 27 39.25 -39.12 16.09
N ASP E 28 40.53 -39.00 16.42
CA ASP E 28 40.96 -37.97 17.37
C ASP E 28 40.70 -36.57 16.83
N GLU E 29 41.06 -36.34 15.56
CA GLU E 29 40.84 -35.02 14.98
C GLU E 29 39.34 -34.69 14.91
N LEU E 30 38.50 -35.69 14.63
CA LEU E 30 37.06 -35.47 14.64
C LEU E 30 36.57 -35.06 16.02
N ALA E 31 37.00 -35.76 17.06
CA ALA E 31 36.59 -35.41 18.41
C ALA E 31 37.00 -33.98 18.76
N SER E 32 38.24 -33.60 18.43
CA SER E 32 38.70 -32.26 18.75
C SER E 32 37.89 -31.20 18.00
N THR E 33 37.68 -31.40 16.70
CA THR E 33 36.91 -30.44 15.92
C THR E 33 35.50 -30.31 16.46
N LYS E 34 34.89 -31.43 16.87
CA LYS E 34 33.53 -31.40 17.39
C LYS E 34 33.46 -30.61 18.70
N GLN E 35 34.41 -30.85 19.61
CA GLN E 35 34.43 -30.10 20.86
C GLN E 35 34.58 -28.61 20.58
N LYS E 36 35.46 -28.25 19.65
CA LYS E 36 35.67 -26.83 19.35
C LYS E 36 34.42 -26.19 18.77
N LEU E 37 33.73 -26.90 17.87
CA LEU E 37 32.49 -26.35 17.32
C LEU E 37 31.44 -26.15 18.40
N GLU E 38 31.27 -27.11 19.30
CA GLU E 38 30.23 -26.96 20.33
C GLU E 38 30.56 -25.80 21.28
N LYS E 39 31.82 -25.64 21.64
CA LYS E 39 32.14 -24.50 22.50
C LYS E 39 31.96 -23.19 21.75
N ALA E 40 32.17 -23.18 20.44
CA ALA E 40 31.83 -22.00 19.65
C ALA E 40 30.34 -21.71 19.70
N GLU E 41 29.50 -22.74 19.63
CA GLU E 41 28.06 -22.53 19.76
C GLU E 41 27.72 -21.91 21.13
N ASN E 42 28.37 -22.39 22.20
CA ASN E 42 28.14 -21.78 23.51
C ASN E 42 28.53 -20.31 23.51
N GLN E 43 29.66 -19.99 22.88
CA GLN E 43 30.10 -18.61 22.74
C GLN E 43 29.03 -17.77 22.05
N VAL E 44 28.48 -18.29 20.95
CA VAL E 44 27.47 -17.55 20.19
C VAL E 44 26.21 -17.35 21.03
N LEU E 45 25.85 -18.35 21.84
CA LEU E 45 24.68 -18.22 22.70
C LEU E 45 24.87 -17.10 23.72
N ALA E 46 26.01 -17.11 24.41
CA ALA E 46 26.32 -16.01 25.33
C ALA E 46 26.26 -14.67 24.61
N MET E 47 26.69 -14.65 23.35
CA MET E 47 26.73 -13.38 22.64
C MET E 47 25.33 -12.88 22.31
N ARG E 48 24.43 -13.78 21.94
CA ARG E 48 23.05 -13.35 21.71
C ARG E 48 22.42 -12.84 23.00
N LYS E 49 22.73 -13.50 24.12
CA LYS E 49 22.27 -13.00 25.42
C LYS E 49 22.72 -11.57 25.64
N GLN E 50 24.02 -11.32 25.46
CA GLN E 50 24.54 -9.98 25.66
C GLN E 50 24.01 -9.00 24.60
N SER E 51 23.61 -9.48 23.43
CA SER E 51 22.95 -8.61 22.45
C SER E 51 21.62 -8.10 22.98
N GLU E 52 20.80 -8.99 23.55
CA GLU E 52 19.56 -8.53 24.18
C GLU E 52 19.84 -7.55 25.33
N GLY E 53 20.88 -7.84 26.11
CA GLY E 53 21.28 -6.89 27.15
C GLY E 53 21.63 -5.54 26.56
N LEU E 54 22.28 -5.55 25.40
CA LEU E 54 22.62 -4.30 24.72
C LEU E 54 21.35 -3.56 24.29
N THR E 55 20.31 -4.30 23.90
CA THR E 55 19.02 -3.67 23.61
C THR E 55 18.52 -2.90 24.83
N LYS E 56 18.54 -3.54 26.00
CA LYS E 56 18.09 -2.84 27.20
C LYS E 56 18.96 -1.62 27.52
N GLU E 57 20.27 -1.77 27.33
CA GLU E 57 21.20 -0.67 27.55
C GLU E 57 20.84 0.51 26.65
N TYR E 58 20.56 0.24 25.38
CA TYR E 58 20.21 1.29 24.43
C TYR E 58 18.89 1.96 24.82
N ASP E 59 17.94 1.17 25.31
CA ASP E 59 16.69 1.77 25.80
C ASP E 59 16.98 2.80 26.88
N ARG E 60 17.75 2.41 27.90
CA ARG E 60 18.00 3.33 29.01
C ARG E 60 18.83 4.54 28.57
N LEU E 61 19.85 4.31 27.74
CA LEU E 61 20.69 5.42 27.28
C LEU E 61 19.88 6.41 26.45
N LEU E 62 19.02 5.93 25.55
CA LEU E 62 18.19 6.84 24.78
C LEU E 62 17.23 7.61 25.67
N GLU E 63 16.62 6.94 26.66
CA GLU E 63 15.71 7.66 27.54
C GLU E 63 16.43 8.77 28.29
N GLU E 64 17.66 8.51 28.75
CA GLU E 64 18.40 9.55 29.45
C GLU E 64 18.79 10.69 28.52
N HIS E 65 19.25 10.36 27.30
CA HIS E 65 19.60 11.39 26.33
C HIS E 65 18.39 12.26 26.00
N ALA E 66 17.21 11.66 25.90
CA ALA E 66 16.01 12.44 25.59
C ALA E 66 15.60 13.32 26.76
N LYS E 67 15.62 12.76 27.98
CA LYS E 67 15.29 13.58 29.15
C LYS E 67 16.28 14.72 29.35
N LEU E 68 17.52 14.56 28.88
CA LEU E 68 18.48 15.65 29.01
C LEU E 68 18.35 16.66 27.87
N SER E 69 17.99 16.20 26.67
CA SER E 69 17.82 17.14 25.56
C SER E 69 16.59 18.02 25.74
N ALA E 70 15.59 17.54 26.48
CA ALA E 70 14.38 18.32 26.71
C ALA E 70 14.59 19.35 27.81
N GLU F 4 -2.88 27.75 17.39
CA GLU F 4 -2.98 28.25 16.02
C GLU F 4 -3.91 27.38 15.18
N ALA F 5 -4.81 28.02 14.44
CA ALA F 5 -5.71 27.28 13.56
C ALA F 5 -4.93 26.57 12.46
N VAL F 6 -3.84 27.17 11.99
CA VAL F 6 -3.04 26.54 10.93
C VAL F 6 -2.36 25.29 11.46
N LEU F 7 -1.78 25.36 12.67
CA LEU F 7 -1.16 24.18 13.26
C LEU F 7 -2.17 23.05 13.45
N ASN F 8 -3.36 23.39 13.99
CA ASN F 8 -4.40 22.40 14.17
C ASN F 8 -4.83 21.78 12.84
N GLU F 9 -5.02 22.61 11.82
CA GLU F 9 -5.44 22.08 10.52
C GLU F 9 -4.37 21.16 9.93
N LEU F 10 -3.10 21.56 10.02
CA LEU F 10 -2.03 20.75 9.43
C LEU F 10 -1.86 19.43 10.17
N VAL F 11 -1.93 19.44 11.51
CA VAL F 11 -1.79 18.18 12.22
C VAL F 11 -3.03 17.31 12.02
N SER F 12 -4.20 17.92 11.86
CA SER F 12 -5.40 17.14 11.57
C SER F 12 -5.29 16.44 10.22
N VAL F 13 -4.81 17.16 9.20
CA VAL F 13 -4.67 16.56 7.87
C VAL F 13 -3.64 15.44 7.91
N GLU F 14 -2.51 15.67 8.60
CA GLU F 14 -1.50 14.63 8.70
C GLU F 14 -2.03 13.38 9.40
N ASP F 15 -2.74 13.57 10.52
CA ASP F 15 -3.30 12.42 11.24
C ASP F 15 -4.26 11.66 10.35
N LEU F 16 -5.19 12.36 9.72
CA LEU F 16 -6.18 11.71 8.87
C LEU F 16 -5.51 10.91 7.76
N LEU F 17 -4.61 11.56 7.01
CA LEU F 17 -3.87 10.90 5.94
C LEU F 17 -3.14 9.65 6.44
N LYS F 18 -2.25 9.82 7.42
CA LYS F 18 -1.36 8.74 7.80
C LYS F 18 -2.10 7.61 8.48
N PHE F 19 -3.12 7.91 9.29
CA PHE F 19 -3.88 6.83 9.90
C PHE F 19 -4.74 6.09 8.89
N GLU F 20 -5.27 6.79 7.87
CA GLU F 20 -5.93 6.06 6.79
C GLU F 20 -4.94 5.14 6.07
N LYS F 21 -3.72 5.63 5.85
CA LYS F 21 -2.71 4.80 5.20
C LYS F 21 -2.39 3.56 6.05
N LYS F 22 -2.26 3.74 7.36
CA LYS F 22 -2.01 2.61 8.24
C LYS F 22 -3.18 1.64 8.27
N PHE F 23 -4.41 2.17 8.31
CA PHE F 23 -5.60 1.31 8.26
C PHE F 23 -5.59 0.45 7.01
N GLN F 24 -5.32 1.06 5.85
CA GLN F 24 -5.37 0.30 4.61
C GLN F 24 -4.21 -0.69 4.50
N SER F 25 -3.02 -0.28 4.97
CA SER F 25 -1.88 -1.18 4.96
C SER F 25 -2.13 -2.40 5.83
N GLU F 26 -2.77 -2.21 6.98
CA GLU F 26 -3.08 -3.35 7.86
C GLU F 26 -4.26 -4.16 7.35
N LYS F 27 -5.18 -3.54 6.63
CA LYS F 27 -6.31 -4.26 6.06
C LYS F 27 -5.88 -5.13 4.88
N ALA F 28 -4.92 -4.66 4.10
CA ALA F 28 -4.43 -5.44 2.97
C ALA F 28 -3.81 -6.76 3.44
N ALA F 29 -3.04 -6.71 4.54
CA ALA F 29 -2.37 -7.88 5.08
C ALA F 29 -3.09 -8.29 6.36
N GLY F 30 -4.19 -9.04 6.19
CA GLY F 30 -4.91 -9.63 7.30
C GLY F 30 -5.83 -8.65 8.02
N SER F 31 -6.10 -8.98 9.28
CA SER F 31 -7.01 -8.20 10.11
C SER F 31 -6.39 -6.87 10.51
N VAL F 32 -7.26 -5.88 10.73
CA VAL F 32 -6.84 -4.56 11.19
C VAL F 32 -6.75 -4.55 12.72
N SER F 33 -5.66 -4.00 13.24
CA SER F 33 -5.48 -3.91 14.67
C SER F 33 -6.56 -3.02 15.30
N LYS F 34 -6.83 -3.29 16.58
CA LYS F 34 -7.87 -2.55 17.30
C LYS F 34 -7.40 -1.14 17.62
N SER F 35 -6.12 -1.00 18.00
CA SER F 35 -5.59 0.30 18.37
C SER F 35 -5.48 1.22 17.15
N THR F 36 -5.07 0.67 16.00
CA THR F 36 -4.98 1.49 14.79
C THR F 36 -6.36 1.92 14.32
N GLN F 37 -7.34 1.01 14.33
CA GLN F 37 -8.69 1.37 13.94
C GLN F 37 -9.28 2.41 14.89
N PHE F 38 -8.99 2.30 16.19
CA PHE F 38 -9.46 3.30 17.13
C PHE F 38 -8.84 4.66 16.83
N GLU F 39 -7.53 4.69 16.56
CA GLU F 39 -6.88 5.94 16.20
C GLU F 39 -7.53 6.56 14.96
N TYR F 40 -7.77 5.74 13.94
CA TYR F 40 -8.40 6.25 12.72
C TYR F 40 -9.78 6.80 13.00
N ALA F 41 -10.63 6.03 13.69
CA ALA F 41 -11.99 6.48 13.97
C ALA F 41 -12.01 7.73 14.82
N TRP F 42 -11.06 7.87 15.74
CA TRP F 42 -11.04 9.00 16.65
C TRP F 42 -10.56 10.27 15.94
N CYS F 43 -9.51 10.16 15.13
CA CYS F 43 -9.17 11.26 14.23
C CYS F 43 -10.35 11.63 13.34
N LEU F 44 -11.10 10.62 12.88
CA LEU F 44 -12.22 10.87 11.98
C LEU F 44 -13.33 11.65 12.68
N VAL F 45 -13.67 11.25 13.91
CA VAL F 45 -14.71 11.95 14.66
C VAL F 45 -14.23 13.32 15.11
N ARG F 46 -12.93 13.57 15.10
CA ARG F 46 -12.46 14.92 15.40
C ARG F 46 -12.36 15.80 14.15
N SER F 47 -12.56 15.23 12.97
CA SER F 47 -12.48 15.99 11.73
C SER F 47 -13.66 16.96 11.59
N LYS F 48 -13.51 17.89 10.65
CA LYS F 48 -14.53 18.88 10.34
C LYS F 48 -15.44 18.47 9.20
N TYR F 49 -15.14 17.38 8.49
CA TYR F 49 -16.00 16.85 7.44
C TYR F 49 -16.98 15.86 8.05
N ASN F 50 -18.26 15.99 7.69
CA ASN F 50 -19.29 15.15 8.29
C ASN F 50 -19.15 13.68 7.86
N ASP F 51 -18.75 13.45 6.61
CA ASP F 51 -18.49 12.09 6.16
C ASP F 51 -17.39 11.44 7.00
N ASP F 52 -16.42 12.23 7.43
CA ASP F 52 -15.35 11.72 8.28
C ASP F 52 -15.89 11.25 9.61
N ILE F 53 -16.79 12.03 10.22
CA ILE F 53 -17.40 11.62 11.48
C ILE F 53 -18.29 10.39 11.29
N ARG F 54 -18.93 10.27 10.13
CA ARG F 54 -19.74 9.09 9.87
C ARG F 54 -18.86 7.85 9.82
N LYS F 55 -17.72 7.95 9.12
CA LYS F 55 -16.77 6.84 9.07
C LYS F 55 -16.24 6.52 10.46
N GLY F 56 -15.94 7.55 11.26
CA GLY F 56 -15.45 7.33 12.61
C GLY F 56 -16.45 6.63 13.49
N ILE F 57 -17.73 7.03 13.42
CA ILE F 57 -18.78 6.36 14.17
C ILE F 57 -18.91 4.91 13.74
N VAL F 58 -18.82 4.64 12.44
CA VAL F 58 -18.92 3.26 11.98
C VAL F 58 -17.80 2.41 12.57
N LEU F 59 -16.56 2.91 12.49
CA LEU F 59 -15.43 2.16 13.03
C LEU F 59 -15.53 1.99 14.54
N LEU F 60 -15.99 3.01 15.26
CA LEU F 60 -16.14 2.90 16.70
C LEU F 60 -17.21 1.88 17.07
N GLU F 61 -18.33 1.86 16.34
CA GLU F 61 -19.36 0.86 16.59
C GLU F 61 -18.86 -0.54 16.29
N GLU F 62 -18.01 -0.68 15.27
CA GLU F 62 -17.48 -2.01 14.97
C GLU F 62 -16.37 -2.42 15.95
N LEU F 63 -15.77 -1.46 16.66
CA LEU F 63 -14.90 -1.80 17.78
C LEU F 63 -15.68 -2.02 19.08
N LEU F 64 -16.93 -1.56 19.13
CA LEU F 64 -17.71 -1.67 20.36
C LEU F 64 -17.92 -3.10 20.86
N PRO F 65 -18.26 -4.11 20.03
CA PRO F 65 -18.64 -5.42 20.58
C PRO F 65 -17.52 -6.12 21.33
N LYS F 66 -16.42 -6.44 20.66
CA LYS F 66 -15.35 -7.21 21.28
C LYS F 66 -14.32 -6.32 21.97
N GLY F 67 -14.77 -5.45 22.87
CA GLY F 67 -13.88 -4.55 23.57
C GLY F 67 -13.58 -4.99 24.99
N SER F 68 -12.53 -4.40 25.54
CA SER F 68 -12.05 -4.69 26.89
C SER F 68 -12.60 -3.69 27.91
N LYS F 69 -13.92 -3.68 28.06
CA LYS F 69 -14.56 -2.87 29.08
C LYS F 69 -14.18 -1.39 28.97
N GLU F 71 -11.24 -1.03 25.15
CA GLU F 71 -11.81 -0.08 26.10
C GLU F 71 -13.13 0.52 25.62
N GLN F 72 -14.23 -0.15 25.98
CA GLN F 72 -15.54 0.22 25.48
C GLN F 72 -16.03 1.55 26.04
N ARG F 73 -15.56 1.96 27.22
CA ARG F 73 -15.95 3.27 27.73
C ARG F 73 -15.47 4.38 26.82
N ASP F 74 -14.21 4.30 26.37
CA ASP F 74 -13.71 5.30 25.44
C ASP F 74 -14.45 5.24 24.12
N TYR F 75 -14.74 4.04 23.63
CA TYR F 75 -15.47 3.93 22.37
C TYR F 75 -16.84 4.57 22.47
N VAL F 76 -17.54 4.35 23.59
CA VAL F 76 -18.87 4.94 23.77
C VAL F 76 -18.77 6.45 23.92
N PHE F 77 -17.76 6.94 24.65
CA PHE F 77 -17.55 8.37 24.79
C PHE F 77 -17.35 9.03 23.43
N TYR F 78 -16.48 8.45 22.60
CA TYR F 78 -16.20 9.07 21.31
C TYR F 78 -17.37 8.89 20.36
N LEU F 79 -18.17 7.84 20.53
CA LEU F 79 -19.40 7.71 19.77
C LEU F 79 -20.40 8.82 20.13
N ALA F 80 -20.51 9.12 21.43
CA ALA F 80 -21.35 10.24 21.85
C ALA F 80 -20.87 11.54 21.24
N VAL F 81 -19.54 11.77 21.26
CA VAL F 81 -18.98 12.99 20.67
C VAL F 81 -19.33 13.06 19.19
N GLY F 82 -19.09 11.97 18.47
CA GLY F 82 -19.35 11.96 17.03
C GLY F 82 -20.82 12.18 16.71
N ASN F 83 -21.72 11.56 17.46
CA ASN F 83 -23.14 11.76 17.21
C ASN F 83 -23.56 13.18 17.52
N TYR F 84 -22.98 13.78 18.56
CA TYR F 84 -23.26 15.19 18.85
C TYR F 84 -22.81 16.09 17.71
N ARG F 85 -21.61 15.86 17.16
CA ARG F 85 -21.09 16.76 16.13
C ARG F 85 -21.93 16.68 14.87
N LEU F 86 -22.56 15.53 14.60
CA LEU F 86 -23.51 15.37 13.52
C LEU F 86 -24.92 15.82 13.88
N LYS F 87 -25.11 16.48 15.03
CA LYS F 87 -26.41 16.95 15.49
C LYS F 87 -27.42 15.81 15.65
N GLU F 88 -26.92 14.59 15.89
CA GLU F 88 -27.76 13.46 16.26
C GLU F 88 -27.79 13.34 17.79
N TYR F 89 -28.48 14.31 18.40
CA TYR F 89 -28.35 14.55 19.84
C TYR F 89 -28.81 13.38 20.71
N GLU F 90 -29.75 12.56 20.24
CA GLU F 90 -30.27 11.51 21.10
C GLU F 90 -29.21 10.50 21.45
N LYS F 91 -28.58 9.94 20.42
CA LYS F 91 -27.53 8.97 20.62
C LYS F 91 -26.39 9.58 21.40
N ALA F 92 -26.11 10.86 21.20
CA ALA F 92 -25.15 11.53 22.05
C ALA F 92 -25.56 11.42 23.52
N LEU F 93 -26.83 11.70 23.83
CA LEU F 93 -27.30 11.64 25.21
C LEU F 93 -27.32 10.21 25.74
N LYS F 94 -27.69 9.26 24.91
CA LYS F 94 -27.72 7.84 25.30
C LYS F 94 -26.33 7.31 25.62
N TYR F 95 -25.36 7.57 24.74
CA TYR F 95 -24.01 7.10 25.00
C TYR F 95 -23.40 7.83 26.19
N VAL F 96 -23.70 9.13 26.33
CA VAL F 96 -23.14 9.88 27.45
C VAL F 96 -23.75 9.39 28.76
N ARG F 97 -25.02 8.98 28.75
CA ARG F 97 -25.65 8.45 29.96
C ARG F 97 -25.09 7.09 30.32
N GLY F 98 -24.88 6.23 29.32
CA GLY F 98 -24.24 4.94 29.60
C GLY F 98 -22.86 5.11 30.21
N LEU F 99 -22.04 5.98 29.60
CA LEU F 99 -20.70 6.21 30.13
C LEU F 99 -20.75 6.81 31.52
N LEU F 100 -21.68 7.74 31.77
CA LEU F 100 -21.80 8.34 33.09
C LEU F 100 -22.24 7.31 34.13
N GLN F 101 -23.07 6.34 33.74
CA GLN F 101 -23.39 5.31 34.71
C GLN F 101 -22.20 4.39 34.97
N THR F 102 -21.34 4.18 33.98
CA THR F 102 -20.14 3.40 34.24
C THR F 102 -19.07 4.18 35.01
N GLU F 103 -19.17 5.50 35.07
CA GLU F 103 -18.22 6.33 35.82
C GLU F 103 -18.92 7.41 36.64
N PRO F 104 -18.79 7.39 37.98
CA PRO F 104 -19.57 8.25 38.87
C PRO F 104 -19.32 9.73 38.58
N ASN F 107 -16.36 10.08 36.22
CA ASN F 107 -16.69 11.45 36.62
C ASN F 107 -16.44 12.42 35.47
N GLN F 108 -16.51 11.93 34.25
CA GLN F 108 -16.34 12.72 33.04
C GLN F 108 -17.62 12.60 32.20
N ALA F 109 -17.65 13.30 31.07
CA ALA F 109 -18.78 13.35 30.16
C ALA F 109 -19.95 14.13 30.74
N LYS F 110 -19.85 14.61 31.98
CA LYS F 110 -20.91 15.41 32.56
C LYS F 110 -21.09 16.73 31.81
N GLU F 111 -19.98 17.38 31.47
CA GLU F 111 -20.04 18.59 30.65
C GLU F 111 -20.52 18.27 29.23
N LEU F 112 -20.21 17.07 28.72
CA LEU F 112 -20.75 16.65 27.42
C LEU F 112 -22.26 16.55 27.47
N GLU F 113 -22.79 15.95 28.54
CA GLU F 113 -24.23 15.90 28.77
C GLU F 113 -24.82 17.31 28.83
N ARG F 114 -24.16 18.19 29.58
CA ARG F 114 -24.55 19.60 29.62
C ARG F 114 -24.69 20.18 28.21
N LEU F 115 -23.68 19.95 27.36
CA LEU F 115 -23.69 20.50 26.01
C LEU F 115 -24.82 19.90 25.18
N ILE F 116 -25.01 18.58 25.25
CA ILE F 116 -26.08 17.93 24.50
C ILE F 116 -27.43 18.51 24.92
N ASP F 117 -27.63 18.69 26.23
CA ASP F 117 -28.91 19.21 26.71
C ASP F 117 -29.12 20.66 26.28
N LYS F 118 -28.07 21.49 26.36
CA LYS F 118 -28.22 22.88 25.94
C LYS F 118 -28.44 22.99 24.44
N ALA F 119 -27.85 22.10 23.65
CA ALA F 119 -28.10 22.13 22.22
C ALA F 119 -29.47 21.59 21.87
N MET F 120 -30.01 20.69 22.68
CA MET F 120 -31.39 20.25 22.47
C MET F 120 -32.38 21.34 22.88
N LYS F 121 -32.00 22.15 23.87
CA LYS F 121 -32.85 23.25 24.29
C LYS F 121 -32.78 24.42 23.33
N LYS F 122 -31.65 24.59 22.64
CA LYS F 122 -31.50 25.68 21.69
C LYS F 122 -32.42 25.54 20.49
N ASP F 123 -32.80 24.33 20.13
CA ASP F 123 -33.68 24.11 18.98
C ASP F 123 -35.08 23.69 19.43
N GLU G 4 -18.86 23.94 21.55
CA GLU G 4 -17.92 23.87 20.44
C GLU G 4 -16.49 23.90 20.97
N ALA G 5 -16.02 25.10 21.35
CA ALA G 5 -14.75 25.17 22.09
C ALA G 5 -14.84 24.41 23.40
N VAL G 6 -16.02 24.40 24.02
CA VAL G 6 -16.21 23.66 25.26
C VAL G 6 -16.06 22.17 25.00
N LEU G 7 -16.64 21.70 23.89
CA LEU G 7 -16.46 20.30 23.48
C LEU G 7 -14.99 19.98 23.22
N ASN G 8 -14.29 20.87 22.52
CA ASN G 8 -12.86 20.67 22.28
C ASN G 8 -12.11 20.53 23.61
N GLU G 9 -12.40 21.40 24.57
CA GLU G 9 -11.68 21.32 25.84
C GLU G 9 -12.01 20.03 26.58
N LEU G 10 -13.29 19.62 26.54
CA LEU G 10 -13.68 18.41 27.27
C LEU G 10 -13.03 17.17 26.66
N VAL G 11 -12.95 17.09 25.33
CA VAL G 11 -12.30 15.91 24.75
C VAL G 11 -10.80 15.95 24.99
N SER G 12 -10.19 17.14 25.04
CA SER G 12 -8.77 17.21 25.37
C SER G 12 -8.50 16.68 26.77
N VAL G 13 -9.35 17.08 27.72
CA VAL G 13 -9.24 16.61 29.10
C VAL G 13 -9.50 15.09 29.22
N GLU G 14 -10.54 14.60 28.52
CA GLU G 14 -10.80 13.17 28.56
C GLU G 14 -9.64 12.39 27.98
N ASP G 15 -9.08 12.88 26.87
CA ASP G 15 -7.94 12.23 26.25
C ASP G 15 -6.77 12.16 27.22
N LEU G 16 -6.39 13.30 27.82
CA LEU G 16 -5.23 13.28 28.70
C LEU G 16 -5.45 12.34 29.89
N LEU G 17 -6.55 12.52 30.62
CA LEU G 17 -6.81 11.63 31.76
C LEU G 17 -6.78 10.15 31.37
N LYS G 18 -7.66 9.75 30.45
CA LYS G 18 -7.79 8.32 30.20
C LYS G 18 -6.56 7.73 29.51
N PHE G 19 -5.88 8.48 28.63
CA PHE G 19 -4.66 7.95 28.03
C PHE G 19 -3.53 7.86 29.04
N GLU G 20 -3.44 8.77 30.01
CA GLU G 20 -2.50 8.62 31.11
C GLU G 20 -2.83 7.38 31.93
N LYS G 21 -4.13 7.14 32.18
CA LYS G 21 -4.53 5.95 32.91
C LYS G 21 -4.10 4.68 32.20
N LYS G 22 -4.33 4.62 30.88
CA LYS G 22 -3.96 3.43 30.13
C LYS G 22 -2.45 3.28 30.03
N PHE G 23 -1.73 4.40 29.90
CA PHE G 23 -0.28 4.39 29.94
C PHE G 23 0.23 3.75 31.22
N GLN G 24 -0.34 4.15 32.37
CA GLN G 24 0.10 3.58 33.63
C GLN G 24 -0.35 2.12 33.78
N SER G 25 -1.52 1.79 33.24
CA SER G 25 -2.00 0.41 33.30
C SER G 25 -1.06 -0.52 32.56
N GLU G 26 -0.57 -0.10 31.40
CA GLU G 26 0.35 -0.94 30.65
C GLU G 26 1.79 -0.83 31.19
N LYS G 27 2.12 0.28 31.86
CA LYS G 27 3.46 0.43 32.43
C LYS G 27 3.64 -0.46 33.66
N ALA G 28 2.58 -0.61 34.46
CA ALA G 28 2.69 -1.42 35.68
C ALA G 28 2.93 -2.89 35.37
N ALA G 29 2.24 -3.42 34.36
CA ALA G 29 2.31 -4.84 34.01
C ALA G 29 3.10 -5.03 32.72
N GLY G 30 4.42 -5.06 32.85
CA GLY G 30 5.24 -5.39 31.69
C GLY G 30 5.46 -4.22 30.77
N SER G 31 5.70 -4.54 29.49
CA SER G 31 6.03 -3.52 28.52
C SER G 31 4.80 -2.68 28.19
N VAL G 32 5.04 -1.41 27.88
CA VAL G 32 3.99 -0.51 27.42
C VAL G 32 3.92 -0.61 25.90
N SER G 33 2.70 -0.75 25.38
CA SER G 33 2.54 -0.84 23.93
C SER G 33 2.98 0.47 23.28
N LYS G 34 3.40 0.36 22.02
CA LYS G 34 3.83 1.56 21.30
C LYS G 34 2.65 2.44 20.96
N SER G 35 1.49 1.83 20.66
CA SER G 35 0.31 2.63 20.33
C SER G 35 -0.16 3.45 21.53
N THR G 36 -0.13 2.87 22.73
CA THR G 36 -0.55 3.61 23.92
C THR G 36 0.42 4.75 24.23
N GLN G 37 1.72 4.49 24.14
CA GLN G 37 2.70 5.54 24.38
C GLN G 37 2.59 6.65 23.34
N PHE G 38 2.34 6.28 22.08
CA PHE G 38 2.18 7.29 21.05
C PHE G 38 0.92 8.11 21.28
N GLU G 39 -0.18 7.48 21.68
CA GLU G 39 -1.39 8.22 22.02
C GLU G 39 -1.12 9.19 23.16
N TYR G 40 -0.43 8.73 24.19
CA TYR G 40 -0.12 9.58 25.34
C TYR G 40 0.69 10.78 24.91
N ALA G 41 1.77 10.57 24.16
CA ALA G 41 2.60 11.70 23.70
C ALA G 41 1.81 12.61 22.76
N TRP G 42 0.99 12.03 21.89
CA TRP G 42 0.07 12.79 21.04
C TRP G 42 -0.75 13.76 21.87
N CYS G 43 -1.18 13.33 23.06
CA CYS G 43 -1.96 14.19 23.92
C CYS G 43 -1.08 15.19 24.67
N LEU G 44 0.11 14.76 25.10
CA LEU G 44 0.99 15.62 25.87
C LEU G 44 1.42 16.82 25.04
N VAL G 45 1.75 16.60 23.77
CA VAL G 45 2.20 17.70 22.92
C VAL G 45 1.06 18.66 22.59
N ARG G 46 -0.19 18.25 22.82
CA ARG G 46 -1.33 19.14 22.62
C ARG G 46 -1.76 19.85 23.91
N SER G 47 -1.20 19.49 25.06
CA SER G 47 -1.55 20.15 26.29
C SER G 47 -1.03 21.60 26.29
N LYS G 48 -1.55 22.41 27.21
CA LYS G 48 -1.09 23.78 27.33
C LYS G 48 0.02 23.95 28.35
N TYR G 49 0.32 22.91 29.12
CA TYR G 49 1.42 22.95 30.07
C TYR G 49 2.70 22.54 29.35
N ASN G 50 3.76 23.34 29.52
CA ASN G 50 5.02 23.07 28.83
C ASN G 50 5.68 21.81 29.34
N ASP G 51 5.53 21.51 30.63
CA ASP G 51 6.05 20.25 31.17
C ASP G 51 5.42 19.05 30.47
N ASP G 52 4.14 19.15 30.11
CA ASP G 52 3.48 18.10 29.36
C ASP G 52 4.11 17.90 27.98
N ILE G 53 4.41 19.01 27.28
CA ILE G 53 5.00 18.87 25.96
C ILE G 53 6.41 18.30 26.07
N ARG G 54 7.12 18.63 27.16
CA ARG G 54 8.44 18.07 27.38
C ARG G 54 8.36 16.56 27.55
N LYS G 55 7.41 16.11 28.39
CA LYS G 55 7.23 14.68 28.60
C LYS G 55 6.85 13.97 27.29
N GLY G 56 5.97 14.60 26.51
CA GLY G 56 5.57 14.01 25.25
C GLY G 56 6.73 13.86 24.28
N ILE G 57 7.60 14.87 24.23
CA ILE G 57 8.80 14.78 23.40
C ILE G 57 9.67 13.63 23.87
N VAL G 58 9.77 13.46 25.20
CA VAL G 58 10.57 12.35 25.74
C VAL G 58 10.00 11.01 25.26
N LEU G 59 8.68 10.84 25.37
CA LEU G 59 8.07 9.58 24.92
C LEU G 59 8.27 9.37 23.42
N LEU G 60 8.17 10.43 22.62
CA LEU G 60 8.35 10.29 21.18
C LEU G 60 9.77 9.86 20.84
N GLU G 61 10.76 10.44 21.51
CA GLU G 61 12.14 10.02 21.28
C GLU G 61 12.35 8.58 21.72
N GLU G 62 11.72 8.17 22.82
CA GLU G 62 11.79 6.76 23.22
C GLU G 62 11.19 5.86 22.15
N LEU G 63 10.10 6.30 21.52
CA LEU G 63 9.43 5.48 20.52
C LEU G 63 10.13 5.47 19.17
N LEU G 64 11.04 6.42 18.93
CA LEU G 64 11.68 6.50 17.61
C LEU G 64 12.35 5.23 17.17
N PRO G 65 13.21 4.55 17.96
CA PRO G 65 13.87 3.35 17.44
C PRO G 65 12.92 2.19 17.23
N LYS G 66 11.82 2.12 17.99
CA LYS G 66 10.88 1.01 17.90
C LYS G 66 9.93 1.14 16.72
N GLY G 67 9.86 2.31 16.08
CA GLY G 67 8.92 2.51 15.02
C GLY G 67 9.37 1.93 13.70
N SER G 68 8.41 1.81 12.78
CA SER G 68 8.67 1.28 11.45
C SER G 68 9.01 2.44 10.51
N LYS G 69 9.06 2.18 9.21
CA LYS G 69 9.47 3.21 8.26
C LYS G 69 8.55 4.42 8.33
N GLU G 70 7.25 4.18 8.41
CA GLU G 70 6.28 5.26 8.38
C GLU G 70 6.03 5.80 9.80
N GLU G 71 6.16 4.91 10.80
CA GLU G 71 5.97 5.31 12.19
C GLU G 71 7.06 6.27 12.64
N GLN G 72 8.31 6.05 12.23
CA GLN G 72 9.36 7.00 12.59
C GLN G 72 9.12 8.35 11.94
N ARG G 73 8.53 8.38 10.75
CA ARG G 73 8.19 9.65 10.15
C ARG G 73 7.12 10.38 10.95
N ASP G 74 6.10 9.65 11.40
CA ASP G 74 5.09 10.28 12.25
C ASP G 74 5.68 10.78 13.55
N TYR G 75 6.57 9.99 14.15
CA TYR G 75 7.22 10.39 15.39
C TYR G 75 8.03 11.66 15.20
N VAL G 76 8.75 11.76 14.08
CA VAL G 76 9.54 12.96 13.81
C VAL G 76 8.64 14.16 13.56
N PHE G 77 7.52 13.94 12.87
CA PHE G 77 6.54 15.02 12.66
C PHE G 77 6.06 15.57 14.00
N TYR G 78 5.68 14.69 14.92
CA TYR G 78 5.20 15.16 16.22
C TYR G 78 6.31 15.71 17.09
N LEU G 79 7.56 15.25 16.90
CA LEU G 79 8.66 15.87 17.60
C LEU G 79 8.85 17.32 17.14
N ALA G 80 8.75 17.55 15.83
CA ALA G 80 8.78 18.91 15.30
C ALA G 80 7.64 19.75 15.86
N VAL G 81 6.43 19.17 15.91
CA VAL G 81 5.28 19.89 16.46
C VAL G 81 5.53 20.28 17.92
N GLY G 82 5.94 19.31 18.73
CA GLY G 82 6.16 19.57 20.14
C GLY G 82 7.25 20.60 20.38
N ASN G 83 8.36 20.52 19.63
CA ASN G 83 9.41 21.52 19.83
C ASN G 83 9.00 22.89 19.34
N TYR G 84 8.20 22.95 18.27
CA TYR G 84 7.65 24.23 17.85
C TYR G 84 6.81 24.83 18.97
N ARG G 85 5.96 24.02 19.59
CA ARG G 85 5.09 24.54 20.63
C ARG G 85 5.85 24.95 21.89
N LEU G 86 6.99 24.31 22.19
CA LEU G 86 7.81 24.79 23.30
C LEU G 86 8.76 25.90 22.91
N LYS G 87 8.61 26.46 21.71
CA LYS G 87 9.50 27.53 21.23
C LYS G 87 10.94 27.05 21.17
N GLU G 88 11.12 25.72 21.03
CA GLU G 88 12.44 25.14 20.79
C GLU G 88 12.62 25.01 19.27
N TYR G 89 12.73 26.18 18.64
CA TYR G 89 12.64 26.28 17.19
C TYR G 89 13.77 25.53 16.50
N GLU G 90 14.93 25.41 17.17
CA GLU G 90 16.05 24.73 16.52
C GLU G 90 15.73 23.25 16.32
N LYS G 91 15.28 22.57 17.38
CA LYS G 91 14.95 21.16 17.26
C LYS G 91 13.72 20.94 16.40
N ALA G 92 12.72 21.84 16.47
CA ALA G 92 11.56 21.76 15.59
C ALA G 92 11.99 21.82 14.13
N LEU G 93 12.85 22.78 13.78
CA LEU G 93 13.30 22.92 12.43
C LEU G 93 14.12 21.72 11.99
N LYS G 94 14.91 21.18 12.92
CA LYS G 94 15.75 20.04 12.60
C LYS G 94 14.90 18.83 12.26
N TYR G 95 13.90 18.54 13.09
CA TYR G 95 13.07 17.37 12.82
C TYR G 95 12.22 17.56 11.56
N VAL G 96 11.68 18.77 11.37
CA VAL G 96 10.83 18.97 10.19
C VAL G 96 11.66 18.92 8.92
N ARG G 97 12.92 19.35 8.95
CA ARG G 97 13.74 19.28 7.75
C ARG G 97 14.23 17.86 7.50
N GLY G 98 14.54 17.13 8.57
CA GLY G 98 14.80 15.71 8.43
C GLY G 98 13.64 15.01 7.74
N LEU G 99 12.42 15.27 8.20
CA LEU G 99 11.24 14.64 7.61
C LEU G 99 11.02 15.08 6.16
N LEU G 100 11.19 16.38 5.88
CA LEU G 100 10.98 16.90 4.54
C LEU G 100 12.03 16.42 3.55
N GLN G 101 13.17 15.91 4.03
CA GLN G 101 14.11 15.30 3.10
C GLN G 101 13.61 13.97 2.55
N THR G 102 12.84 13.21 3.33
CA THR G 102 12.28 11.96 2.86
C THR G 102 10.91 12.12 2.21
N GLU G 103 10.23 13.24 2.46
CA GLU G 103 8.99 13.56 1.74
C GLU G 103 9.08 15.04 1.40
N PRO G 104 9.54 15.36 0.18
CA PRO G 104 9.81 16.78 -0.14
C PRO G 104 8.57 17.64 -0.25
N GLN G 105 7.41 17.06 -0.57
CA GLN G 105 6.20 17.84 -0.83
C GLN G 105 5.07 17.48 0.11
N ASN G 106 5.37 16.93 1.29
CA ASN G 106 4.37 16.82 2.34
C ASN G 106 3.97 18.23 2.76
N ASN G 107 2.83 18.71 2.25
CA ASN G 107 2.48 20.11 2.44
C ASN G 107 2.27 20.45 3.90
N GLN G 108 1.85 19.47 4.71
CA GLN G 108 1.66 19.74 6.13
C GLN G 108 2.99 20.07 6.82
N ALA G 109 4.04 19.31 6.50
CA ALA G 109 5.32 19.61 7.12
C ALA G 109 5.93 20.88 6.53
N LYS G 110 5.53 21.26 5.32
CA LYS G 110 5.99 22.54 4.77
C LYS G 110 5.34 23.71 5.50
N GLU G 111 4.04 23.61 5.76
CA GLU G 111 3.38 24.65 6.55
C GLU G 111 3.90 24.68 7.99
N LEU G 112 4.26 23.51 8.53
CA LEU G 112 4.86 23.49 9.86
C LEU G 112 6.22 24.19 9.88
N GLU G 113 7.08 23.88 8.90
CA GLU G 113 8.35 24.57 8.80
C GLU G 113 8.15 26.07 8.62
N ARG G 114 7.11 26.46 7.87
CA ARG G 114 6.87 27.87 7.65
C ARG G 114 6.41 28.56 8.94
N LEU G 115 5.60 27.88 9.74
CA LEU G 115 5.25 28.42 11.06
C LEU G 115 6.50 28.61 11.92
N ILE G 116 7.36 27.59 11.95
CA ILE G 116 8.58 27.69 12.74
C ILE G 116 9.44 28.85 12.25
N ASP G 117 9.56 29.01 10.93
CA ASP G 117 10.41 30.08 10.39
C ASP G 117 9.82 31.46 10.69
N LYS G 118 8.50 31.62 10.55
CA LYS G 118 7.88 32.91 10.84
C LYS G 118 7.95 33.25 12.32
N ALA G 119 7.92 32.25 13.19
CA ALA G 119 8.09 32.52 14.61
C ALA G 119 9.55 32.78 14.95
N MET G 120 10.47 32.20 14.18
CA MET G 120 11.89 32.42 14.44
C MET G 120 12.32 33.81 14.03
N LYS G 121 11.77 34.31 12.93
CA LYS G 121 12.11 35.65 12.45
C LYS G 121 11.35 36.74 13.19
N LYS G 122 10.63 36.37 14.24
CA LYS G 122 9.82 37.31 14.98
C LYS G 122 9.98 37.14 16.48
C1 BME H . -1.78 15.77 1.55
C2 BME H . -3.18 15.22 1.37
O1 BME H . -1.87 17.11 1.96
S2 BME H . -3.20 14.04 -0.03
S SO4 I . -24.36 16.50 5.30
O1 SO4 I . -23.16 16.58 4.39
O2 SO4 I . -23.92 16.19 6.70
O3 SO4 I . -25.09 17.81 5.28
O4 SO4 I . -25.27 15.42 4.81
#